data_8P81
#
_entry.id   8P81
#
_cell.length_a   103.042
_cell.length_b   137.906
_cell.length_c   58.471
_cell.angle_alpha   90.00
_cell.angle_beta   90.00
_cell.angle_gamma   90.00
#
_symmetry.space_group_name_H-M   'P 21 21 2'
#
loop_
_entity.id
_entity.type
_entity.pdbx_description
1 polymer 'Cyclin-dependent kinase 12'
2 polymer Cyclin-K
3 non-polymer ~{N}-[[5,6-bis(chloranyl)-1~{H}-benzimidazol-2-yl]methyl]-9-(1-methylpyrazol-4-yl)-2-morpholin-4-yl-purin-6-amine
4 water water
#
loop_
_entity_poly.entity_id
_entity_poly.type
_entity_poly.pdbx_seq_one_letter_code
_entity_poly.pdbx_strand_id
1 'polypeptide(L)'
;GQTESDWGKRCVDKFDIIGIIGEGTYGQVYKAKDKDTGELVALKKVRLDNEKEGFPITAIREIKILRQLIHRSVVNMKEI
VTDKQDALDFKKDKGAFYLVFEYMDHDLMGLLESGLVHFSEDHIKSFMKQLMEGLEYCHKKNFLHRDIKCSNILLNNSGQ
IKLADFGLARLYNSEESRPY(TPO)NKVITLWYRPPELLLGEERYTPAIDVWSCGCILGELFTKKPIFQANLELAQLELI
SRLCGSPCPAVWPDVIKLPYFNTMKPKKQYRRRLREEFSFIPSAALDLLDHMLTLDPSKRCTAEQTLQSDFLKDVELSKM
APPDLPHWQDCHELWSKKRRRQRQSGVVVEEPPPS
;
A
2 'polypeptide(L)'
;GMKENKENSSPSVTSANLDHTKPCWYWDKKDLAHTPSQLEGLDPATEARYRREGARFIFDVGTRLGLHYDTLATGIIYFH
RFYMFHSFKQFPRYVTGACCLFLAGKVEETPKKCKDIIKTARSLLNDVQFGQFGDDPKEEVMVLERILLQTIKFDLQVEH
PYQFLLKYAKQLKGDKNKIQKLVQMAWTFVNDSLCTTLSLQWEPEIIAVAVMYLAGRLCKFEIQEWTSKPMYRRWWEQFV
QDVPVDVLEDICHQILDLYSQGKQQMPH
;
B
#
# COMPACT_ATOMS: atom_id res chain seq x y z
N GLU A 4 16.45 -13.24 -6.73
CA GLU A 4 15.05 -13.55 -6.99
C GLU A 4 14.14 -12.87 -5.98
N SER A 5 14.52 -12.95 -4.70
CA SER A 5 13.74 -12.37 -3.61
C SER A 5 14.43 -11.18 -2.96
N ASP A 6 15.67 -10.85 -3.36
CA ASP A 6 16.41 -9.75 -2.76
C ASP A 6 16.24 -8.51 -3.64
N TRP A 7 15.07 -7.88 -3.52
CA TRP A 7 14.81 -6.65 -4.24
C TRP A 7 15.68 -5.52 -3.70
N GLY A 8 15.85 -4.48 -4.51
CA GLY A 8 16.64 -3.34 -4.14
C GLY A 8 18.15 -3.54 -4.22
N LYS A 9 18.62 -4.79 -4.13
CA LYS A 9 20.05 -5.03 -4.23
C LYS A 9 20.55 -4.88 -5.67
N ARG A 10 19.73 -5.28 -6.63
CA ARG A 10 20.13 -5.23 -8.02
C ARG A 10 20.25 -3.78 -8.50
N CYS A 11 21.32 -3.50 -9.23
CA CYS A 11 21.61 -2.16 -9.72
C CYS A 11 20.90 -1.91 -11.04
N VAL A 12 20.59 -0.64 -11.30
CA VAL A 12 19.86 -0.29 -12.52
C VAL A 12 20.73 -0.43 -13.77
N ASP A 13 22.06 -0.45 -13.61
CA ASP A 13 22.92 -0.67 -14.77
C ASP A 13 22.74 -2.06 -15.36
N LYS A 14 22.10 -2.97 -14.63
CA LYS A 14 21.72 -4.26 -15.18
C LYS A 14 20.62 -4.16 -16.22
N PHE A 15 19.99 -3.00 -16.36
CA PHE A 15 19.02 -2.73 -17.40
C PHE A 15 19.62 -1.78 -18.43
N ASP A 16 19.10 -1.85 -19.64
CA ASP A 16 19.52 -0.98 -20.74
C ASP A 16 18.34 -0.06 -21.07
N ILE A 17 18.34 1.14 -20.49
CA ILE A 17 17.28 2.09 -20.73
C ILE A 17 17.28 2.50 -22.19
N ILE A 18 16.12 2.43 -22.83
CA ILE A 18 15.97 2.74 -24.25
C ILE A 18 15.49 4.17 -24.46
N GLY A 19 14.43 4.57 -23.78
CA GLY A 19 13.92 5.92 -23.93
C GLY A 19 12.71 6.14 -23.06
N ILE A 20 12.39 7.42 -22.87
CA ILE A 20 11.21 7.82 -22.11
C ILE A 20 9.98 7.64 -22.98
N ILE A 21 8.93 7.03 -22.43
CA ILE A 21 7.74 6.72 -23.19
C ILE A 21 6.49 7.45 -22.70
N GLY A 22 6.58 8.18 -21.59
CA GLY A 22 5.43 8.90 -21.09
C GLY A 22 5.72 9.52 -19.74
N GLU A 23 4.72 10.20 -19.22
CA GLU A 23 4.80 10.91 -17.95
C GLU A 23 3.80 10.28 -16.98
N GLY A 24 4.32 9.72 -15.90
CA GLY A 24 3.53 8.99 -14.92
C GLY A 24 3.15 9.85 -13.72
N THR A 25 2.92 9.18 -12.60
CA THR A 25 2.50 9.85 -11.37
C THR A 25 3.64 10.68 -10.79
N TYR A 26 4.69 10.01 -10.32
CA TYR A 26 5.80 10.72 -9.70
C TYR A 26 7.05 10.67 -10.56
N GLY A 27 6.93 11.06 -11.82
CA GLY A 27 8.08 11.17 -12.70
C GLY A 27 7.75 10.61 -14.08
N GLN A 28 8.81 10.43 -14.87
CA GLN A 28 8.68 9.92 -16.22
C GLN A 28 8.80 8.40 -16.24
N VAL A 29 8.23 7.79 -17.27
CA VAL A 29 8.26 6.34 -17.46
C VAL A 29 9.31 6.01 -18.51
N TYR A 30 10.21 5.10 -18.18
CA TYR A 30 11.26 4.67 -19.08
C TYR A 30 10.94 3.29 -19.65
N LYS A 31 11.45 3.04 -20.85
CA LYS A 31 11.36 1.73 -21.49
C LYS A 31 12.75 1.12 -21.50
N ALA A 32 12.89 -0.07 -20.93
CA ALA A 32 14.20 -0.68 -20.78
C ALA A 32 14.13 -2.16 -21.14
N LYS A 33 15.29 -2.70 -21.51
CA LYS A 33 15.46 -4.11 -21.79
C LYS A 33 16.45 -4.69 -20.79
N ASP A 34 16.07 -5.79 -20.16
CA ASP A 34 16.94 -6.44 -19.17
C ASP A 34 18.17 -7.00 -19.86
N LYS A 35 19.35 -6.53 -19.43
CA LYS A 35 20.60 -7.01 -20.01
C LYS A 35 20.86 -8.48 -19.74
N ASP A 36 20.11 -9.10 -18.82
CA ASP A 36 20.28 -10.51 -18.50
C ASP A 36 19.17 -11.39 -19.06
N THR A 37 17.92 -10.92 -19.06
CA THR A 37 16.80 -11.73 -19.53
C THR A 37 16.31 -11.31 -20.91
N GLY A 38 16.71 -10.15 -21.41
CA GLY A 38 16.25 -9.68 -22.70
C GLY A 38 14.78 -9.32 -22.77
N GLU A 39 14.11 -9.22 -21.63
CA GLU A 39 12.68 -8.94 -21.59
C GLU A 39 12.45 -7.43 -21.54
N LEU A 40 11.33 -7.00 -22.14
CA LEU A 40 10.97 -5.60 -22.18
C LEU A 40 10.18 -5.22 -20.94
N VAL A 41 10.59 -4.13 -20.28
CA VAL A 41 9.98 -3.65 -19.05
C VAL A 41 9.80 -2.15 -19.12
N ALA A 42 9.07 -1.61 -18.14
CA ALA A 42 8.89 -0.18 -17.96
C ALA A 42 9.36 0.20 -16.56
N LEU A 43 10.00 1.36 -16.45
CA LEU A 43 10.63 1.77 -15.20
C LEU A 43 10.06 3.11 -14.73
N LYS A 44 9.70 3.16 -13.45
CA LYS A 44 9.35 4.41 -12.77
C LYS A 44 10.43 4.72 -11.77
N LYS A 45 11.03 5.91 -11.88
CA LYS A 45 12.08 6.34 -10.96
C LYS A 45 11.44 7.03 -9.76
N VAL A 46 11.68 6.50 -8.57
CA VAL A 46 11.28 7.14 -7.33
C VAL A 46 12.47 7.90 -6.76
N ARG A 47 12.23 9.11 -6.29
CA ARG A 47 13.28 9.95 -5.73
C ARG A 47 13.19 9.96 -4.21
N LEU A 48 14.32 10.29 -3.57
CA LEU A 48 14.40 10.44 -2.13
C LEU A 48 14.75 11.88 -1.83
N ASP A 49 13.76 12.64 -1.36
CA ASP A 49 13.96 14.08 -1.15
C ASP A 49 14.86 14.36 0.05
N ASN A 50 14.82 13.47 1.06
CA ASN A 50 15.61 13.58 2.29
C ASN A 50 15.25 14.83 3.11
N GLU A 51 14.67 15.85 2.47
CA GLU A 51 14.14 17.02 3.14
C GLU A 51 12.63 17.12 3.03
N LYS A 52 11.96 16.00 2.74
CA LYS A 52 10.52 15.94 2.59
C LYS A 52 10.07 14.50 2.89
N GLU A 53 10.36 14.04 4.10
CA GLU A 53 9.98 12.73 4.62
C GLU A 53 10.60 11.58 3.83
N GLY A 54 11.68 11.84 3.10
CA GLY A 54 12.46 10.76 2.52
C GLY A 54 11.71 10.03 1.42
N PHE A 55 11.72 8.70 1.51
CA PHE A 55 11.09 7.87 0.49
C PHE A 55 9.60 8.18 0.42
N PRO A 56 9.04 8.41 -0.76
CA PRO A 56 7.64 8.87 -0.86
C PRO A 56 6.67 7.82 -0.36
N ILE A 57 5.74 8.25 0.51
CA ILE A 57 4.70 7.34 0.98
C ILE A 57 3.81 6.91 -0.18
N THR A 58 3.64 7.78 -1.17
CA THR A 58 2.91 7.40 -2.38
C THR A 58 3.59 6.23 -3.08
N ALA A 59 4.93 6.25 -3.13
CA ALA A 59 5.66 5.12 -3.69
C ALA A 59 5.52 3.89 -2.79
N ILE A 60 5.52 4.08 -1.47
CA ILE A 60 5.32 2.97 -0.54
C ILE A 60 3.93 2.38 -0.74
N ARG A 61 2.92 3.23 -0.94
CA ARG A 61 1.57 2.75 -1.18
C ARG A 61 1.50 1.89 -2.43
N GLU A 62 2.09 2.36 -3.52
CA GLU A 62 2.09 1.60 -4.76
C GLU A 62 2.85 0.28 -4.61
N ILE A 63 3.92 0.28 -3.82
CA ILE A 63 4.66 -0.96 -3.59
C ILE A 63 3.83 -1.93 -2.77
N LYS A 64 3.20 -1.44 -1.71
CA LYS A 64 2.39 -2.32 -0.86
C LYS A 64 1.18 -2.85 -1.61
N ILE A 65 0.55 -2.02 -2.44
CA ILE A 65 -0.68 -2.43 -3.12
C ILE A 65 -0.38 -3.39 -4.27
N LEU A 66 0.62 -3.06 -5.09
CA LEU A 66 0.91 -3.89 -6.25
C LEU A 66 1.50 -5.25 -5.88
N ARG A 67 2.07 -5.39 -4.69
CA ARG A 67 2.49 -6.70 -4.22
C ARG A 67 1.37 -7.48 -3.56
N GLN A 68 0.14 -6.94 -3.55
CA GLN A 68 -1.02 -7.62 -3.01
C GLN A 68 -2.09 -7.90 -4.05
N LEU A 69 -1.92 -7.44 -5.28
CA LEU A 69 -2.93 -7.58 -6.33
C LEU A 69 -2.45 -8.57 -7.38
N ILE A 70 -3.38 -9.46 -7.74
CA ILE A 70 -3.11 -10.42 -8.84
C ILE A 70 -4.40 -10.44 -9.66
N HIS A 71 -4.41 -9.79 -10.82
CA HIS A 71 -5.64 -9.72 -11.64
C HIS A 71 -5.26 -9.56 -13.11
N ARG A 72 -6.24 -9.81 -13.98
CA ARG A 72 -5.97 -9.77 -15.44
C ARG A 72 -5.85 -8.33 -15.88
N SER A 73 -6.72 -7.48 -15.36
CA SER A 73 -6.73 -6.08 -15.85
C SER A 73 -5.92 -5.18 -14.91
N VAL A 74 -4.84 -5.69 -14.31
CA VAL A 74 -4.01 -4.78 -13.54
C VAL A 74 -2.56 -5.00 -13.92
N VAL A 75 -1.75 -3.96 -13.77
CA VAL A 75 -0.33 -4.07 -14.06
C VAL A 75 0.35 -4.87 -12.94
N ASN A 76 1.41 -5.58 -13.31
CA ASN A 76 2.14 -6.43 -12.38
C ASN A 76 3.55 -5.86 -12.21
N MET A 77 3.87 -5.43 -11.00
CA MET A 77 5.22 -4.95 -10.71
C MET A 77 6.17 -6.13 -10.62
N LYS A 78 7.28 -6.06 -11.36
CA LYS A 78 8.19 -7.19 -11.46
C LYS A 78 9.23 -7.20 -10.35
N GLU A 79 9.99 -6.10 -10.20
CA GLU A 79 11.01 -6.01 -9.16
C GLU A 79 11.33 -4.54 -8.92
N ILE A 80 12.34 -4.29 -8.10
CA ILE A 80 12.81 -2.94 -7.79
C ILE A 80 14.33 -2.94 -7.79
N VAL A 81 14.93 -2.02 -8.54
CA VAL A 81 16.38 -1.94 -8.63
C VAL A 81 16.83 -0.57 -8.12
N THR A 82 18.12 -0.47 -7.80
CA THR A 82 18.71 0.74 -7.27
C THR A 82 19.54 1.45 -8.34
N ASP A 83 19.75 2.75 -8.14
CA ASP A 83 20.39 3.60 -9.13
C ASP A 83 21.89 3.40 -9.15
N LYS A 84 22.62 4.18 -8.37
CA LYS A 84 24.07 4.14 -8.31
C LYS A 84 24.53 3.44 -7.04
N GLN A 85 25.53 2.57 -7.18
CA GLN A 85 26.11 1.92 -6.01
C GLN A 85 26.61 2.96 -5.03
N ASP A 86 26.45 2.66 -3.74
CA ASP A 86 26.79 3.61 -2.69
C ASP A 86 28.27 3.96 -2.72
N ALA A 87 28.57 5.25 -2.68
CA ALA A 87 29.88 5.66 -2.22
C ALA A 87 30.08 5.06 -0.83
N LEU A 88 31.23 4.43 -0.61
CA LEU A 88 31.40 3.50 0.49
C LEU A 88 31.22 4.13 1.88
N ASP A 89 30.71 5.36 1.91
CA ASP A 89 30.10 5.95 3.09
C ASP A 89 28.64 6.22 2.71
N PHE A 90 27.74 5.33 3.13
CA PHE A 90 26.36 5.38 2.67
C PHE A 90 25.67 6.70 2.99
N LYS A 91 26.28 7.47 3.90
CA LYS A 91 25.69 8.78 4.29
C LYS A 91 25.73 9.72 3.09
N LYS A 92 26.54 9.39 2.09
CA LYS A 92 26.70 10.28 0.91
C LYS A 92 25.82 9.78 -0.23
N ASP A 93 25.58 8.46 -0.31
CA ASP A 93 24.81 7.97 -1.49
C ASP A 93 23.46 8.65 -1.51
N LYS A 94 23.15 9.30 -2.63
CA LYS A 94 21.87 10.03 -2.75
C LYS A 94 21.22 9.65 -4.07
N GLY A 95 21.13 8.34 -4.36
CA GLY A 95 20.62 7.98 -5.66
C GLY A 95 19.11 7.88 -5.69
N ALA A 96 18.60 6.83 -6.33
CA ALA A 96 17.15 6.63 -6.48
C ALA A 96 16.89 5.14 -6.68
N PHE A 97 15.61 4.80 -6.78
CA PHE A 97 15.19 3.44 -7.08
C PHE A 97 14.31 3.45 -8.33
N TYR A 98 14.14 2.26 -8.92
CA TYR A 98 13.38 2.11 -10.16
C TYR A 98 12.39 0.96 -9.99
N LEU A 99 11.10 1.29 -9.97
CA LEU A 99 10.06 0.27 -10.01
C LEU A 99 10.01 -0.33 -11.40
N VAL A 100 10.00 -1.66 -11.47
CA VAL A 100 9.98 -2.38 -12.75
C VAL A 100 8.59 -2.94 -12.97
N PHE A 101 8.10 -2.82 -14.21
CA PHE A 101 6.78 -3.30 -14.58
C PHE A 101 6.87 -4.06 -15.90
N GLU A 102 5.85 -4.88 -16.15
CA GLU A 102 5.73 -5.53 -17.44
C GLU A 102 5.40 -4.51 -18.52
N TYR A 103 5.93 -4.73 -19.72
CA TYR A 103 5.74 -3.81 -20.83
C TYR A 103 4.50 -4.18 -21.63
N MET A 104 3.64 -3.20 -21.88
CA MET A 104 2.44 -3.38 -22.68
C MET A 104 2.64 -2.75 -24.05
N ASP A 105 1.96 -3.32 -25.05
CA ASP A 105 2.23 -2.94 -26.43
C ASP A 105 1.69 -1.55 -26.76
N HIS A 106 0.51 -1.21 -26.24
CA HIS A 106 -0.13 0.06 -26.55
C HIS A 106 -0.63 0.72 -25.28
N ASP A 107 -0.81 2.05 -25.37
CA ASP A 107 -1.51 2.82 -24.36
C ASP A 107 -2.73 3.46 -25.02
N LEU A 108 -3.75 3.73 -24.21
CA LEU A 108 -5.01 4.23 -24.77
C LEU A 108 -4.87 5.66 -25.27
N MET A 109 -3.93 6.43 -24.72
CA MET A 109 -3.77 7.82 -25.14
C MET A 109 -3.28 7.91 -26.58
N GLY A 110 -2.23 7.16 -26.91
CA GLY A 110 -1.69 7.20 -28.26
C GLY A 110 -2.63 6.64 -29.30
N LEU A 111 -3.46 5.67 -28.92
CA LEU A 111 -4.41 5.08 -29.87
C LEU A 111 -5.47 6.09 -30.27
N LEU A 112 -6.00 6.85 -29.30
CA LEU A 112 -7.05 7.82 -29.61
C LEU A 112 -6.50 9.03 -30.36
N GLU A 113 -5.23 9.38 -30.13
CA GLU A 113 -4.66 10.57 -30.75
C GLU A 113 -4.23 10.34 -32.21
N SER A 114 -3.98 9.09 -32.60
CA SER A 114 -3.36 8.84 -33.90
C SER A 114 -4.33 9.14 -35.04
N GLY A 115 -5.60 8.80 -34.88
CA GLY A 115 -6.56 8.88 -35.96
C GLY A 115 -6.51 7.75 -36.94
N LEU A 116 -5.43 6.96 -36.94
CA LEU A 116 -5.34 5.76 -37.76
C LEU A 116 -6.15 4.60 -37.20
N VAL A 117 -6.63 4.72 -35.96
CA VAL A 117 -7.40 3.68 -35.31
C VAL A 117 -8.82 4.18 -35.08
N HIS A 118 -9.79 3.30 -35.29
CA HIS A 118 -11.19 3.58 -35.00
C HIS A 118 -11.77 2.39 -34.23
N PHE A 119 -12.31 2.67 -33.04
CA PHE A 119 -12.84 1.62 -32.19
C PHE A 119 -14.32 1.41 -32.49
N SER A 120 -14.70 0.18 -32.81
CA SER A 120 -16.09 -0.17 -33.03
C SER A 120 -16.82 -0.23 -31.69
N GLU A 121 -18.11 -0.56 -31.75
CA GLU A 121 -18.87 -0.70 -30.51
C GLU A 121 -18.38 -1.89 -29.68
N ASP A 122 -18.07 -3.01 -30.34
CA ASP A 122 -17.55 -4.17 -29.63
C ASP A 122 -16.18 -3.89 -29.03
N HIS A 123 -15.40 -3.00 -29.64
CA HIS A 123 -14.10 -2.65 -29.07
C HIS A 123 -14.27 -1.87 -27.78
N ILE A 124 -15.26 -0.97 -27.73
CA ILE A 124 -15.51 -0.20 -26.52
C ILE A 124 -16.17 -1.07 -25.45
N LYS A 125 -17.04 -1.99 -25.86
CA LYS A 125 -17.63 -2.92 -24.90
C LYS A 125 -16.58 -3.81 -24.26
N SER A 126 -15.52 -4.16 -25.00
CA SER A 126 -14.46 -4.99 -24.45
C SER A 126 -13.52 -4.18 -23.55
N PHE A 127 -13.19 -2.95 -23.95
CA PHE A 127 -12.27 -2.15 -23.15
C PHE A 127 -12.91 -1.70 -21.84
N MET A 128 -14.17 -1.26 -21.90
CA MET A 128 -14.84 -0.82 -20.67
C MET A 128 -15.13 -1.97 -19.73
N LYS A 129 -15.37 -3.18 -20.27
CA LYS A 129 -15.61 -4.34 -19.41
C LYS A 129 -14.38 -4.65 -18.58
N GLN A 130 -13.21 -4.75 -19.22
CA GLN A 130 -11.99 -5.09 -18.49
C GLN A 130 -11.59 -3.98 -17.52
N LEU A 131 -11.85 -2.72 -17.87
CA LEU A 131 -11.47 -1.62 -16.99
C LEU A 131 -12.30 -1.62 -15.72
N MET A 132 -13.60 -1.87 -15.84
CA MET A 132 -14.47 -1.87 -14.67
C MET A 132 -14.33 -3.14 -13.85
N GLU A 133 -13.95 -4.26 -14.48
CA GLU A 133 -13.66 -5.47 -13.71
C GLU A 133 -12.42 -5.29 -12.86
N GLY A 134 -11.43 -4.56 -13.37
CA GLY A 134 -10.23 -4.29 -12.58
C GLY A 134 -10.46 -3.26 -11.50
N LEU A 135 -11.29 -2.25 -11.79
CA LEU A 135 -11.58 -1.23 -10.78
C LEU A 135 -12.48 -1.77 -9.68
N GLU A 136 -13.38 -2.72 -10.00
CA GLU A 136 -14.21 -3.32 -8.98
C GLU A 136 -13.40 -4.20 -8.04
N TYR A 137 -12.41 -4.91 -8.57
CA TYR A 137 -11.56 -5.74 -7.74
C TYR A 137 -10.73 -4.91 -6.77
N CYS A 138 -10.32 -3.71 -7.18
CA CYS A 138 -9.57 -2.83 -6.29
C CYS A 138 -10.47 -2.19 -5.25
N HIS A 139 -11.71 -1.84 -5.63
CA HIS A 139 -12.64 -1.27 -4.67
C HIS A 139 -13.07 -2.31 -3.64
N LYS A 140 -13.24 -3.57 -4.07
CA LYS A 140 -13.54 -4.63 -3.12
C LYS A 140 -12.37 -4.88 -2.17
N LYS A 141 -11.14 -4.66 -2.64
CA LYS A 141 -9.95 -4.75 -1.81
C LYS A 141 -9.68 -3.48 -1.03
N ASN A 142 -10.59 -2.50 -1.09
CA ASN A 142 -10.45 -1.24 -0.36
C ASN A 142 -9.23 -0.44 -0.83
N PHE A 143 -9.15 -0.21 -2.14
CA PHE A 143 -8.07 0.58 -2.72
C PHE A 143 -8.64 1.53 -3.76
N LEU A 144 -8.29 2.81 -3.64
CA LEU A 144 -8.68 3.82 -4.61
C LEU A 144 -7.52 4.06 -5.57
N HIS A 145 -7.84 4.28 -6.84
CA HIS A 145 -6.79 4.59 -7.81
C HIS A 145 -6.40 6.05 -7.74
N ARG A 146 -7.39 6.95 -7.65
CA ARG A 146 -7.20 8.39 -7.50
C ARG A 146 -6.40 9.01 -8.64
N ASP A 147 -6.32 8.32 -9.78
CA ASP A 147 -5.65 8.86 -10.97
C ASP A 147 -5.90 7.96 -12.17
N ILE A 148 -7.03 8.15 -12.86
CA ILE A 148 -7.37 7.36 -14.03
C ILE A 148 -7.42 8.28 -15.24
N LYS A 149 -6.58 7.99 -16.23
CA LYS A 149 -6.56 8.75 -17.48
C LYS A 149 -6.20 7.79 -18.60
N CYS A 150 -6.17 8.32 -19.84
CA CYS A 150 -5.95 7.47 -21.00
C CYS A 150 -4.52 6.94 -21.04
N SER A 151 -3.56 7.67 -20.51
CA SER A 151 -2.18 7.19 -20.48
C SER A 151 -1.95 6.14 -19.41
N ASN A 152 -2.84 6.02 -18.44
CA ASN A 152 -2.73 4.99 -17.41
C ASN A 152 -3.48 3.72 -17.78
N ILE A 153 -4.07 3.65 -18.97
CA ILE A 153 -4.78 2.46 -19.44
C ILE A 153 -3.97 1.86 -20.58
N LEU A 154 -3.50 0.63 -20.38
CA LEU A 154 -2.63 -0.03 -21.34
C LEU A 154 -3.38 -1.16 -22.05
N LEU A 155 -2.91 -1.47 -23.26
CA LEU A 155 -3.56 -2.45 -24.12
C LEU A 155 -2.52 -3.25 -24.88
N ASN A 156 -2.71 -4.57 -24.92
CA ASN A 156 -1.85 -5.47 -25.67
C ASN A 156 -2.50 -5.85 -26.99
N ASN A 157 -1.72 -6.53 -27.84
CA ASN A 157 -2.22 -6.97 -29.13
C ASN A 157 -3.32 -8.03 -28.99
N SER A 158 -3.35 -8.75 -27.88
CA SER A 158 -4.37 -9.76 -27.62
C SER A 158 -5.69 -9.14 -27.15
N GLY A 159 -5.80 -7.81 -27.15
CA GLY A 159 -7.00 -7.16 -26.66
C GLY A 159 -7.12 -7.10 -25.16
N GLN A 160 -6.07 -7.45 -24.43
CA GLN A 160 -6.11 -7.45 -22.97
C GLN A 160 -5.84 -6.04 -22.45
N ILE A 161 -6.77 -5.51 -21.67
CA ILE A 161 -6.62 -4.20 -21.05
C ILE A 161 -6.06 -4.40 -19.65
N LYS A 162 -5.11 -3.55 -19.27
CA LYS A 162 -4.56 -3.54 -17.92
C LYS A 162 -4.46 -2.11 -17.41
N LEU A 163 -4.86 -1.92 -16.16
CA LEU A 163 -4.77 -0.61 -15.50
C LEU A 163 -3.44 -0.51 -14.76
N ALA A 164 -2.78 0.62 -14.90
CA ALA A 164 -1.42 0.80 -14.39
C ALA A 164 -1.30 2.15 -13.68
N ASP A 165 -0.08 2.41 -13.20
CA ASP A 165 0.29 3.66 -12.53
C ASP A 165 -0.58 3.90 -11.29
N PHE A 166 -0.30 3.09 -10.26
CA PHE A 166 -0.94 3.22 -8.96
C PHE A 166 -0.16 4.16 -8.03
N GLY A 167 0.45 5.21 -8.59
CA GLY A 167 1.28 6.10 -7.80
C GLY A 167 0.52 6.93 -6.78
N LEU A 168 -0.79 7.13 -6.98
CA LEU A 168 -1.61 7.89 -6.05
C LEU A 168 -2.64 7.02 -5.36
N ALA A 169 -2.42 5.71 -5.32
CA ALA A 169 -3.37 4.80 -4.71
C ALA A 169 -3.20 4.76 -3.20
N ARG A 170 -4.29 4.47 -2.49
CA ARG A 170 -4.26 4.31 -1.05
C ARG A 170 -5.47 3.49 -0.63
N LEU A 171 -5.49 3.12 0.65
CA LEU A 171 -6.57 2.33 1.22
C LEU A 171 -7.67 3.25 1.74
N TYR A 172 -8.92 2.81 1.58
CA TYR A 172 -10.06 3.54 2.12
C TYR A 172 -10.83 2.65 3.09
N ASN A 173 -11.41 3.28 4.10
CA ASN A 173 -12.19 2.57 5.10
C ASN A 173 -13.58 2.27 4.56
N SER A 174 -13.90 0.99 4.40
CA SER A 174 -15.18 0.61 3.80
C SER A 174 -16.35 0.80 4.74
N GLU A 175 -16.14 0.63 6.05
CA GLU A 175 -17.21 0.72 7.03
C GLU A 175 -17.05 1.93 7.94
N GLU A 176 -16.40 2.99 7.45
CA GLU A 176 -16.19 4.20 8.23
C GLU A 176 -15.74 5.30 7.30
N SER A 177 -16.18 6.53 7.59
CA SER A 177 -15.73 7.69 6.84
C SER A 177 -14.37 8.15 7.34
N ARG A 178 -13.53 8.63 6.42
CA ARG A 178 -12.18 9.04 6.75
C ARG A 178 -11.79 10.21 5.85
N PRO A 179 -11.00 11.16 6.36
CA PRO A 179 -10.50 12.24 5.50
C PRO A 179 -9.32 11.78 4.67
N TYR A 180 -9.39 12.02 3.36
CA TYR A 180 -8.31 11.64 2.45
C TYR A 180 -7.77 12.86 1.71
N ASN A 182 -7.18 15.53 -1.10
CA ASN A 182 -8.10 16.13 -2.07
C ASN A 182 -7.49 16.27 -3.46
N LYS A 183 -6.23 16.72 -3.52
CA LYS A 183 -5.58 17.04 -4.80
C LYS A 183 -5.13 15.75 -5.49
N VAL A 184 -6.11 14.92 -5.83
CA VAL A 184 -5.88 13.67 -6.55
C VAL A 184 -6.67 13.74 -7.86
N ILE A 185 -6.32 12.81 -8.77
CA ILE A 185 -6.90 12.70 -10.11
C ILE A 185 -6.50 13.90 -10.95
N THR A 186 -6.17 13.66 -12.22
CA THR A 186 -5.82 14.73 -13.14
C THR A 186 -7.00 15.68 -13.31
N LEU A 187 -6.69 16.94 -13.61
CA LEU A 187 -7.72 17.98 -13.68
C LEU A 187 -8.80 17.63 -14.71
N TRP A 188 -8.39 17.10 -15.86
CA TRP A 188 -9.37 16.80 -16.91
C TRP A 188 -10.29 15.64 -16.54
N TYR A 189 -9.89 14.80 -15.59
CA TYR A 189 -10.69 13.65 -15.18
C TYR A 189 -11.15 13.75 -13.73
N ARG A 190 -10.97 14.90 -13.10
CA ARG A 190 -11.28 15.04 -11.67
C ARG A 190 -12.79 15.23 -11.49
N PRO A 191 -13.41 14.49 -10.57
CA PRO A 191 -14.86 14.62 -10.35
C PRO A 191 -15.19 15.97 -9.74
N PRO A 192 -16.47 16.38 -9.78
CA PRO A 192 -16.82 17.70 -9.22
C PRO A 192 -16.58 17.81 -7.73
N GLU A 193 -16.87 16.76 -6.95
CA GLU A 193 -16.71 16.86 -5.50
C GLU A 193 -15.28 17.19 -5.10
N LEU A 194 -14.30 16.70 -5.86
CA LEU A 194 -12.92 17.06 -5.58
C LEU A 194 -12.63 18.51 -5.97
N LEU A 195 -13.31 19.02 -6.99
CA LEU A 195 -13.13 20.43 -7.35
C LEU A 195 -13.70 21.36 -6.30
N LEU A 196 -14.72 20.93 -5.57
CA LEU A 196 -15.29 21.71 -4.47
C LEU A 196 -14.57 21.47 -3.15
N GLY A 197 -13.47 20.71 -3.15
CA GLY A 197 -12.66 20.56 -1.97
C GLY A 197 -13.09 19.49 -1.00
N GLU A 198 -13.75 18.43 -1.47
CA GLU A 198 -14.17 17.35 -0.60
C GLU A 198 -12.97 16.48 -0.21
N GLU A 199 -12.80 16.28 1.10
CA GLU A 199 -11.75 15.40 1.61
C GLU A 199 -12.28 14.07 2.11
N ARG A 200 -13.58 13.94 2.33
CA ARG A 200 -14.15 12.65 2.74
C ARG A 200 -14.93 12.02 1.60
N TYR A 201 -14.24 11.66 0.51
CA TYR A 201 -14.89 11.16 -0.68
C TYR A 201 -14.96 9.63 -0.67
N THR A 202 -15.58 9.08 -1.71
CA THR A 202 -15.86 7.65 -1.82
C THR A 202 -15.14 7.07 -3.04
N PRO A 203 -15.21 5.74 -3.27
CA PRO A 203 -14.65 5.20 -4.52
C PRO A 203 -15.33 5.71 -5.78
N ALA A 204 -16.34 6.56 -5.63
CA ALA A 204 -17.03 7.13 -6.78
C ALA A 204 -16.18 8.11 -7.57
N ILE A 205 -15.01 8.50 -7.06
CA ILE A 205 -14.16 9.43 -7.80
C ILE A 205 -13.50 8.72 -8.98
N ASP A 206 -13.22 7.42 -8.85
CA ASP A 206 -12.64 6.68 -9.95
C ASP A 206 -13.68 6.35 -11.03
N VAL A 207 -14.93 6.18 -10.64
CA VAL A 207 -15.99 5.94 -11.62
C VAL A 207 -16.17 7.15 -12.52
N TRP A 208 -16.02 8.35 -11.96
CA TRP A 208 -16.12 9.57 -12.76
C TRP A 208 -15.03 9.61 -13.82
N SER A 209 -13.79 9.29 -13.44
CA SER A 209 -12.70 9.27 -14.40
C SER A 209 -12.96 8.24 -15.49
N CYS A 210 -13.44 7.05 -15.11
CA CYS A 210 -13.83 6.06 -16.11
C CYS A 210 -15.01 6.55 -16.94
N GLY A 211 -15.84 7.42 -16.38
CA GLY A 211 -16.89 8.03 -17.17
C GLY A 211 -16.36 8.97 -18.22
N CYS A 212 -15.27 9.69 -17.90
CA CYS A 212 -14.61 10.53 -18.89
C CYS A 212 -13.89 9.69 -19.93
N ILE A 213 -13.47 8.47 -19.57
CA ILE A 213 -12.84 7.58 -20.54
C ILE A 213 -13.87 7.07 -21.53
N LEU A 214 -15.05 6.68 -21.03
CA LEU A 214 -16.09 6.14 -21.90
C LEU A 214 -16.51 7.15 -22.95
N GLY A 215 -16.82 8.38 -22.52
CA GLY A 215 -17.20 9.41 -23.47
C GLY A 215 -16.06 9.77 -24.42
N GLU A 216 -14.82 9.68 -23.95
CA GLU A 216 -13.68 9.98 -24.82
C GLU A 216 -13.45 8.88 -25.84
N LEU A 217 -13.85 7.64 -25.52
CA LEU A 217 -13.67 6.54 -26.46
C LEU A 217 -14.50 6.75 -27.73
N PHE A 218 -15.61 7.46 -27.64
CA PHE A 218 -16.43 7.74 -28.80
C PHE A 218 -16.00 9.01 -29.53
N THR A 219 -15.68 10.07 -28.79
CA THR A 219 -15.31 11.34 -29.40
C THR A 219 -13.83 11.42 -29.78
N LYS A 220 -13.00 10.50 -29.29
CA LYS A 220 -11.56 10.51 -29.54
C LYS A 220 -10.92 11.83 -29.11
N LYS A 221 -11.43 12.40 -28.01
CA LYS A 221 -10.92 13.64 -27.46
C LYS A 221 -11.45 13.78 -26.04
N PRO A 222 -10.65 14.29 -25.10
CA PRO A 222 -11.15 14.47 -23.73
C PRO A 222 -12.34 15.43 -23.70
N ILE A 223 -13.34 15.08 -22.89
CA ILE A 223 -14.58 15.86 -22.87
C ILE A 223 -14.49 17.09 -21.99
N PHE A 224 -13.55 17.13 -21.03
CA PHE A 224 -13.38 18.28 -20.15
C PHE A 224 -11.92 18.71 -20.21
N GLN A 225 -11.61 19.71 -21.02
CA GLN A 225 -10.26 20.21 -21.21
C GLN A 225 -10.19 21.67 -20.76
N ALA A 226 -9.74 21.89 -19.53
CA ALA A 226 -9.56 23.23 -18.99
C ALA A 226 -8.16 23.34 -18.38
N ASN A 227 -7.77 24.57 -18.05
CA ASN A 227 -6.44 24.85 -17.54
C ASN A 227 -6.39 25.17 -16.06
N LEU A 228 -7.54 25.29 -15.39
CA LEU A 228 -7.56 25.61 -13.97
C LEU A 228 -8.80 24.96 -13.34
N GLU A 229 -8.86 25.01 -12.01
CA GLU A 229 -9.94 24.35 -11.29
C GLU A 229 -11.29 25.00 -11.57
N LEU A 230 -11.34 26.33 -11.62
CA LEU A 230 -12.60 27.01 -11.84
C LEU A 230 -13.13 26.74 -13.25
N ALA A 231 -12.25 26.86 -14.25
CA ALA A 231 -12.68 26.58 -15.62
C ALA A 231 -13.05 25.12 -15.82
N GLN A 232 -12.43 24.21 -15.04
CA GLN A 232 -12.77 22.80 -15.14
C GLN A 232 -14.16 22.52 -14.60
N LEU A 233 -14.52 23.13 -13.47
CA LEU A 233 -15.89 23.03 -12.98
C LEU A 233 -16.87 23.69 -13.93
N GLU A 234 -16.41 24.69 -14.68
CA GLU A 234 -17.28 25.36 -15.65
C GLU A 234 -17.66 24.42 -16.79
N LEU A 235 -16.68 23.68 -17.33
CA LEU A 235 -16.97 22.77 -18.43
C LEU A 235 -17.80 21.58 -17.98
N ILE A 236 -17.62 21.13 -16.74
CA ILE A 236 -18.43 20.04 -16.22
C ILE A 236 -19.87 20.49 -16.02
N SER A 237 -20.08 21.74 -15.64
CA SER A 237 -21.43 22.24 -15.41
C SER A 237 -22.19 22.42 -16.72
N ARG A 238 -21.50 22.86 -17.77
CA ARG A 238 -22.17 23.09 -19.04
C ARG A 238 -22.66 21.81 -19.70
N LEU A 239 -22.16 20.65 -19.27
CA LEU A 239 -22.57 19.37 -19.82
C LEU A 239 -23.40 18.54 -18.84
N CYS A 240 -22.97 18.43 -17.59
CA CYS A 240 -23.65 17.63 -16.59
C CYS A 240 -24.59 18.44 -15.72
N GLY A 241 -24.75 19.72 -16.00
CA GLY A 241 -25.55 20.56 -15.11
C GLY A 241 -24.73 21.13 -13.97
N SER A 242 -25.14 22.30 -13.49
CA SER A 242 -24.44 22.95 -12.40
C SER A 242 -24.73 22.21 -11.08
N PRO A 243 -23.74 22.12 -10.20
CA PRO A 243 -23.97 21.49 -8.89
C PRO A 243 -24.89 22.34 -8.02
N CYS A 244 -26.09 21.83 -7.76
CA CYS A 244 -27.09 22.50 -6.95
C CYS A 244 -27.70 21.50 -5.98
N PRO A 245 -28.24 21.95 -4.86
CA PRO A 245 -28.83 21.01 -3.89
C PRO A 245 -29.97 20.18 -4.45
N ALA A 246 -30.60 20.61 -5.54
CA ALA A 246 -31.65 19.81 -6.16
C ALA A 246 -31.07 18.51 -6.73
N VAL A 247 -29.97 18.61 -7.47
CA VAL A 247 -29.30 17.42 -7.99
C VAL A 247 -28.35 16.80 -7.00
N TRP A 248 -28.05 17.49 -5.90
CA TRP A 248 -26.97 17.10 -5.00
C TRP A 248 -27.16 17.79 -3.65
N PRO A 249 -28.03 17.27 -2.79
CA PRO A 249 -28.35 17.99 -1.54
C PRO A 249 -27.16 18.19 -0.62
N ASP A 250 -26.18 17.30 -0.64
CA ASP A 250 -25.03 17.38 0.24
C ASP A 250 -23.95 18.34 -0.27
N VAL A 251 -24.26 19.14 -1.30
CA VAL A 251 -23.25 19.99 -1.90
C VAL A 251 -22.94 21.21 -1.03
N ILE A 252 -23.84 21.60 -0.13
CA ILE A 252 -23.58 22.76 0.71
C ILE A 252 -22.54 22.46 1.79
N LYS A 253 -22.36 21.19 2.13
CA LYS A 253 -21.31 20.82 3.08
C LYS A 253 -19.91 20.96 2.49
N LEU A 254 -19.79 21.11 1.17
CA LEU A 254 -18.49 21.20 0.55
C LEU A 254 -17.88 22.57 0.83
N PRO A 255 -16.55 22.64 1.02
CA PRO A 255 -15.94 23.94 1.37
C PRO A 255 -16.03 24.96 0.26
N TYR A 256 -15.77 24.57 -0.99
CA TYR A 256 -15.69 25.50 -2.11
C TYR A 256 -17.00 25.62 -2.87
N PHE A 257 -18.13 25.34 -2.22
CA PHE A 257 -19.41 25.46 -2.91
C PHE A 257 -19.73 26.91 -3.24
N ASN A 258 -19.62 27.80 -2.25
CA ASN A 258 -19.86 29.21 -2.48
C ASN A 258 -18.66 29.92 -3.07
N THR A 259 -17.47 29.31 -2.99
CA THR A 259 -16.27 29.93 -3.56
C THR A 259 -16.21 29.69 -5.07
N MET A 260 -16.39 28.45 -5.50
CA MET A 260 -16.35 28.08 -6.91
C MET A 260 -17.78 27.93 -7.42
N LYS A 261 -18.20 28.88 -8.26
CA LYS A 261 -19.54 28.87 -8.84
C LYS A 261 -19.43 29.14 -10.34
N PRO A 262 -20.12 28.37 -11.18
CA PRO A 262 -20.12 28.66 -12.62
C PRO A 262 -20.80 29.99 -12.90
N LYS A 263 -20.71 30.40 -14.17
CA LYS A 263 -21.33 31.67 -14.58
C LYS A 263 -22.84 31.59 -14.50
N LYS A 264 -23.43 30.46 -14.88
CA LYS A 264 -24.87 30.27 -14.81
C LYS A 264 -25.15 28.92 -14.15
N GLN A 265 -26.44 28.69 -13.87
CA GLN A 265 -26.89 27.41 -13.32
C GLN A 265 -27.36 26.55 -14.49
N TYR A 266 -26.40 25.91 -15.14
CA TYR A 266 -26.68 25.15 -16.36
C TYR A 266 -27.50 23.90 -16.06
N ARG A 267 -28.32 23.51 -17.03
CA ARG A 267 -29.05 22.26 -16.95
C ARG A 267 -28.21 21.12 -17.51
N ARG A 268 -28.70 19.90 -17.32
CA ARG A 268 -27.99 18.71 -17.77
C ARG A 268 -28.32 18.46 -19.24
N ARG A 269 -27.32 18.59 -20.10
CA ARG A 269 -27.48 18.37 -21.54
C ARG A 269 -26.63 17.21 -22.02
N LEU A 270 -26.39 16.23 -21.15
CA LEU A 270 -25.51 15.11 -21.50
C LEU A 270 -26.17 14.18 -22.50
N ARG A 271 -27.44 13.83 -22.28
CA ARG A 271 -28.09 12.85 -23.14
C ARG A 271 -28.31 13.39 -24.55
N GLU A 272 -28.45 14.70 -24.70
CA GLU A 272 -28.62 15.29 -26.04
C GLU A 272 -27.29 15.56 -26.73
N GLU A 273 -26.22 15.81 -25.96
CA GLU A 273 -24.93 16.08 -26.58
C GLU A 273 -24.31 14.82 -27.15
N PHE A 274 -24.47 13.69 -26.46
CA PHE A 274 -23.98 12.40 -26.91
C PHE A 274 -25.09 11.53 -27.48
N SER A 275 -25.97 12.12 -28.30
CA SER A 275 -27.06 11.35 -28.89
C SER A 275 -26.56 10.35 -29.91
N PHE A 276 -25.44 10.63 -30.56
CA PHE A 276 -24.86 9.69 -31.52
C PHE A 276 -24.37 8.41 -30.86
N ILE A 277 -24.11 8.46 -29.56
CA ILE A 277 -23.69 7.25 -28.83
C ILE A 277 -24.85 6.27 -28.79
N PRO A 278 -24.61 4.96 -28.93
CA PRO A 278 -25.70 3.98 -28.81
C PRO A 278 -26.45 4.12 -27.50
N SER A 279 -27.73 3.73 -27.51
CA SER A 279 -28.59 3.93 -26.35
C SER A 279 -28.09 3.16 -25.14
N ALA A 280 -27.54 1.96 -25.36
CA ALA A 280 -27.06 1.15 -24.24
C ALA A 280 -25.88 1.83 -23.54
N ALA A 281 -25.02 2.49 -24.30
CA ALA A 281 -23.87 3.16 -23.71
C ALA A 281 -24.21 4.53 -23.13
N LEU A 282 -25.24 5.19 -23.68
CA LEU A 282 -25.62 6.49 -23.16
C LEU A 282 -26.23 6.38 -21.77
N ASP A 283 -27.03 5.34 -21.53
CA ASP A 283 -27.56 5.13 -20.19
C ASP A 283 -26.46 4.87 -19.17
N LEU A 284 -25.39 4.20 -19.59
CA LEU A 284 -24.24 4.00 -18.71
C LEU A 284 -23.47 5.30 -18.51
N LEU A 285 -23.30 6.08 -19.58
CA LEU A 285 -22.54 7.33 -19.47
C LEU A 285 -23.28 8.35 -18.61
N ASP A 286 -24.61 8.39 -18.71
CA ASP A 286 -25.38 9.33 -17.91
C ASP A 286 -25.27 9.02 -16.42
N HIS A 287 -25.21 7.73 -16.08
CA HIS A 287 -25.15 7.34 -14.68
C HIS A 287 -23.75 7.48 -14.11
N MET A 288 -22.72 7.34 -14.94
CA MET A 288 -21.34 7.47 -14.46
C MET A 288 -20.94 8.92 -14.25
N LEU A 289 -21.55 9.85 -15.00
CA LEU A 289 -21.26 11.28 -14.87
C LEU A 289 -22.33 12.00 -14.06
N THR A 290 -22.76 11.41 -12.96
CA THR A 290 -23.71 12.05 -12.06
C THR A 290 -22.97 12.93 -11.06
N LEU A 291 -23.51 14.13 -10.83
CA LEU A 291 -22.84 15.07 -9.93
C LEU A 291 -22.78 14.54 -8.51
N ASP A 292 -23.90 14.06 -7.98
CA ASP A 292 -23.96 13.53 -6.63
C ASP A 292 -23.23 12.19 -6.57
N PRO A 293 -22.09 12.09 -5.87
CA PRO A 293 -21.38 10.80 -5.83
C PRO A 293 -22.14 9.71 -5.09
N SER A 294 -23.08 10.07 -4.21
CA SER A 294 -23.90 9.06 -3.57
C SER A 294 -24.90 8.45 -4.54
N LYS A 295 -25.40 9.24 -5.50
CA LYS A 295 -26.28 8.74 -6.53
C LYS A 295 -25.53 8.21 -7.75
N ARG A 296 -24.21 8.35 -7.78
CA ARG A 296 -23.40 7.84 -8.87
C ARG A 296 -23.25 6.33 -8.75
N CYS A 297 -23.26 5.65 -9.89
CA CYS A 297 -23.18 4.19 -9.90
C CYS A 297 -21.78 3.73 -9.48
N THR A 298 -21.73 2.52 -8.90
CA THR A 298 -20.48 1.95 -8.45
C THR A 298 -19.88 1.05 -9.53
N ALA A 299 -18.69 0.51 -9.26
CA ALA A 299 -18.02 -0.34 -10.23
C ALA A 299 -18.77 -1.64 -10.45
N GLU A 300 -19.37 -2.19 -9.39
CA GLU A 300 -20.15 -3.42 -9.53
C GLU A 300 -21.44 -3.16 -10.31
N GLN A 301 -22.00 -1.95 -10.22
CA GLN A 301 -23.22 -1.65 -10.95
C GLN A 301 -22.97 -1.50 -12.45
N THR A 302 -21.77 -1.03 -12.83
CA THR A 302 -21.46 -0.88 -14.25
C THR A 302 -21.41 -2.23 -14.96
N LEU A 303 -20.94 -3.27 -14.26
CA LEU A 303 -20.89 -4.60 -14.84
C LEU A 303 -22.28 -5.21 -14.99
N GLN A 304 -23.29 -4.67 -14.31
CA GLN A 304 -24.65 -5.15 -14.40
C GLN A 304 -25.51 -4.32 -15.35
N SER A 305 -24.96 -3.26 -15.92
CA SER A 305 -25.70 -2.44 -16.88
C SER A 305 -25.88 -3.20 -18.19
N ASP A 306 -26.90 -2.78 -18.95
CA ASP A 306 -27.21 -3.47 -20.20
C ASP A 306 -26.06 -3.38 -21.20
N PHE A 307 -25.22 -2.35 -21.09
CA PHE A 307 -24.11 -2.18 -22.02
C PHE A 307 -22.93 -3.10 -21.70
N LEU A 308 -22.88 -3.67 -20.50
CA LEU A 308 -21.76 -4.50 -20.10
C LEU A 308 -22.15 -5.86 -19.53
N LYS A 309 -23.43 -6.08 -19.19
CA LYS A 309 -23.82 -7.35 -18.59
C LYS A 309 -23.68 -8.50 -19.58
N ASP A 310 -24.02 -8.26 -20.85
CA ASP A 310 -23.95 -9.30 -21.86
C ASP A 310 -22.78 -9.07 -22.81
N VAL A 311 -21.58 -8.87 -22.25
CA VAL A 311 -20.37 -8.66 -23.04
C VAL A 311 -19.42 -9.80 -22.68
N GLU A 312 -19.54 -10.92 -23.38
CA GLU A 312 -18.63 -12.04 -23.19
C GLU A 312 -17.25 -11.62 -23.69
N LEU A 313 -16.30 -11.50 -22.77
CA LEU A 313 -14.98 -10.99 -23.11
C LEU A 313 -14.27 -11.92 -24.10
N SER A 314 -14.38 -13.23 -23.89
CA SER A 314 -13.77 -14.20 -24.79
C SER A 314 -14.29 -14.01 -26.21
N LYS A 315 -13.54 -14.53 -27.17
CA LYS A 315 -13.70 -14.22 -28.60
C LYS A 315 -13.58 -12.71 -28.87
N MET A 316 -12.66 -12.05 -28.18
CA MET A 316 -12.45 -10.62 -28.34
C MET A 316 -11.66 -10.34 -29.62
N ALA A 317 -12.21 -9.51 -30.49
CA ALA A 317 -11.56 -9.15 -31.75
C ALA A 317 -11.02 -7.74 -31.67
N PRO A 318 -9.71 -7.54 -31.58
CA PRO A 318 -9.15 -6.20 -31.46
C PRO A 318 -8.96 -5.57 -32.83
N PRO A 319 -8.97 -4.23 -32.90
CA PRO A 319 -8.68 -3.56 -34.18
C PRO A 319 -7.21 -3.70 -34.54
N ASP A 320 -6.95 -3.52 -35.83
CA ASP A 320 -5.62 -3.74 -36.40
C ASP A 320 -5.06 -2.41 -36.89
N LEU A 321 -4.02 -1.92 -36.21
CA LEU A 321 -3.20 -0.81 -36.69
C LEU A 321 -1.78 -1.33 -36.76
N PRO A 322 -1.34 -2.03 -37.81
CA PRO A 322 0.00 -2.65 -37.81
C PRO A 322 1.16 -1.79 -38.32
N HIS A 323 2.28 -2.44 -38.66
CA HIS A 323 3.48 -1.70 -39.12
C HIS A 323 3.16 -0.91 -40.40
N PRO B 23 10.38 -13.97 0.23
CA PRO B 23 11.66 -14.23 0.90
C PRO B 23 11.49 -14.85 2.28
N CYS B 24 12.50 -15.58 2.74
CA CYS B 24 12.45 -16.24 4.04
C CYS B 24 13.06 -15.34 5.10
N TRP B 25 12.32 -15.10 6.17
CA TRP B 25 12.74 -14.21 7.25
C TRP B 25 12.82 -14.94 8.59
N TYR B 26 13.25 -16.20 8.57
CA TYR B 26 13.33 -17.00 9.78
C TYR B 26 14.64 -17.75 9.82
N TRP B 27 15.36 -17.62 10.94
CA TRP B 27 16.65 -18.27 11.15
C TRP B 27 16.54 -19.30 12.27
N ASP B 28 17.59 -20.10 12.39
CA ASP B 28 17.71 -21.05 13.49
C ASP B 28 18.40 -20.38 14.68
N LYS B 29 18.39 -21.08 15.82
CA LYS B 29 19.13 -20.61 16.97
C LYS B 29 20.62 -20.63 16.72
N LYS B 30 21.11 -21.57 15.91
CA LYS B 30 22.51 -21.60 15.56
C LYS B 30 22.90 -20.39 14.72
N ASP B 31 21.99 -19.88 13.90
CA ASP B 31 22.26 -18.67 13.14
C ASP B 31 22.17 -17.41 13.99
N LEU B 32 21.25 -17.40 14.97
CA LEU B 32 21.14 -16.26 15.87
C LEU B 32 22.37 -16.09 16.76
N ALA B 33 23.18 -17.14 16.89
CA ALA B 33 24.44 -17.03 17.62
C ALA B 33 25.58 -16.53 16.74
N HIS B 34 25.37 -16.41 15.43
CA HIS B 34 26.38 -15.95 14.49
C HIS B 34 25.84 -14.80 13.65
N THR B 35 25.22 -13.82 14.31
CA THR B 35 24.77 -12.62 13.63
C THR B 35 25.98 -11.77 13.25
N PRO B 36 25.80 -10.81 12.32
CA PRO B 36 26.92 -9.91 11.98
C PRO B 36 27.56 -9.23 13.18
N SER B 37 26.79 -8.99 14.25
CA SER B 37 27.36 -8.43 15.46
C SER B 37 28.24 -9.44 16.19
N GLN B 38 27.80 -10.70 16.23
CA GLN B 38 28.59 -11.74 16.90
C GLN B 38 29.92 -11.96 16.19
N LEU B 39 29.92 -11.86 14.86
CA LEU B 39 31.13 -12.10 14.09
C LEU B 39 32.16 -10.99 14.26
N GLU B 40 31.73 -9.79 14.66
CA GLU B 40 32.63 -8.67 14.84
C GLU B 40 33.13 -8.52 16.28
N GLY B 41 32.87 -9.50 17.14
CA GLY B 41 33.41 -9.53 18.48
C GLY B 41 32.41 -9.29 19.59
N LEU B 42 31.23 -8.76 19.27
CA LEU B 42 30.25 -8.45 20.31
C LEU B 42 29.71 -9.74 20.92
N ASP B 43 29.80 -9.85 22.25
CA ASP B 43 29.35 -11.05 22.93
C ASP B 43 27.82 -11.14 22.90
N PRO B 44 27.27 -12.36 22.96
CA PRO B 44 25.81 -12.50 22.84
C PRO B 44 25.02 -11.79 23.93
N ALA B 45 25.64 -11.50 25.08
CA ALA B 45 24.91 -10.85 26.16
C ALA B 45 24.59 -9.40 25.83
N THR B 46 25.53 -8.68 25.22
CA THR B 46 25.33 -7.26 24.95
C THR B 46 24.43 -7.04 23.74
N GLU B 47 24.56 -7.87 22.70
CA GLU B 47 23.68 -7.74 21.54
C GLU B 47 22.23 -8.00 21.92
N ALA B 48 21.99 -9.04 22.73
CA ALA B 48 20.65 -9.29 23.22
C ALA B 48 20.13 -8.12 24.04
N ARG B 49 21.02 -7.41 24.72
CA ARG B 49 20.62 -6.22 25.46
C ARG B 49 20.32 -5.07 24.51
N TYR B 50 21.15 -4.87 23.48
CA TYR B 50 20.88 -3.83 22.50
C TYR B 50 19.60 -4.08 21.74
N ARG B 51 19.26 -5.35 21.49
CA ARG B 51 17.99 -5.67 20.85
C ARG B 51 16.82 -5.31 21.75
N ARG B 52 16.93 -5.61 23.05
CA ARG B 52 15.88 -5.23 23.99
C ARG B 52 15.75 -3.72 24.08
N GLU B 53 16.89 -3.03 24.23
CA GLU B 53 16.85 -1.57 24.32
C GLU B 53 16.32 -0.94 23.03
N GLY B 54 16.68 -1.51 21.89
CA GLY B 54 16.16 -0.99 20.62
C GLY B 54 14.67 -1.20 20.49
N ALA B 55 14.19 -2.40 20.80
CA ALA B 55 12.76 -2.67 20.73
C ALA B 55 12.00 -1.86 21.77
N ARG B 56 12.52 -1.77 23.00
CA ARG B 56 11.90 -0.93 24.01
C ARG B 56 11.85 0.54 23.57
N PHE B 57 12.86 0.98 22.82
CA PHE B 57 12.87 2.36 22.33
C PHE B 57 11.74 2.60 21.34
N ILE B 58 11.61 1.74 20.33
CA ILE B 58 10.56 1.90 19.33
C ILE B 58 9.19 1.81 19.97
N PHE B 59 9.04 0.92 20.95
CA PHE B 59 7.74 0.75 21.60
C PHE B 59 7.38 1.98 22.43
N ASP B 60 8.37 2.61 23.07
CA ASP B 60 8.08 3.76 23.93
C ASP B 60 7.90 5.04 23.11
N VAL B 61 8.67 5.19 22.03
CA VAL B 61 8.54 6.39 21.21
C VAL B 61 7.21 6.39 20.47
N GLY B 62 6.83 5.25 19.90
CA GLY B 62 5.59 5.19 19.14
C GLY B 62 4.37 5.32 20.03
N THR B 63 4.43 4.75 21.24
CA THR B 63 3.31 4.85 22.17
C THR B 63 3.06 6.30 22.55
N ARG B 64 4.11 7.07 22.82
CA ARG B 64 3.95 8.48 23.13
C ARG B 64 3.46 9.28 21.94
N LEU B 65 3.64 8.77 20.72
CA LEU B 65 3.09 9.38 19.52
C LEU B 65 1.68 8.86 19.21
N GLY B 66 1.14 7.97 20.03
CA GLY B 66 -0.19 7.44 19.81
C GLY B 66 -0.30 6.60 18.54
N LEU B 67 0.64 5.68 18.35
CA LEU B 67 0.68 4.84 17.17
C LEU B 67 0.01 3.49 17.42
N HIS B 68 -0.65 3.00 16.38
CA HIS B 68 -1.37 1.73 16.44
C HIS B 68 -0.42 0.57 16.73
N TYR B 69 -0.94 -0.48 17.37
CA TYR B 69 -0.08 -1.55 17.86
C TYR B 69 0.57 -2.34 16.72
N ASP B 70 -0.08 -2.39 15.56
CA ASP B 70 0.55 -3.06 14.43
C ASP B 70 1.72 -2.26 13.88
N THR B 71 1.61 -0.92 13.91
CA THR B 71 2.70 -0.07 13.43
C THR B 71 3.92 -0.17 14.34
N LEU B 72 3.71 -0.35 15.64
CA LEU B 72 4.82 -0.54 16.56
C LEU B 72 5.56 -1.83 16.27
N ALA B 73 4.81 -2.94 16.17
CA ALA B 73 5.44 -4.24 15.94
C ALA B 73 6.11 -4.30 14.56
N THR B 74 5.58 -3.56 13.59
CA THR B 74 6.19 -3.54 12.26
C THR B 74 7.59 -2.92 12.31
N GLY B 75 7.72 -1.79 13.01
CA GLY B 75 9.03 -1.15 13.11
C GLY B 75 10.02 -2.01 13.88
N ILE B 76 9.57 -2.69 14.93
CA ILE B 76 10.46 -3.55 15.69
C ILE B 76 10.91 -4.75 14.86
N ILE B 77 10.01 -5.28 14.03
CA ILE B 77 10.40 -6.38 13.13
C ILE B 77 11.41 -5.88 12.11
N TYR B 78 11.22 -4.66 11.59
CA TYR B 78 12.25 -4.05 10.77
C TYR B 78 13.55 -3.91 11.53
N PHE B 79 13.47 -3.64 12.83
CA PHE B 79 14.67 -3.47 13.65
C PHE B 79 15.43 -4.79 13.79
N HIS B 80 14.73 -5.86 14.19
CA HIS B 80 15.39 -7.16 14.34
C HIS B 80 15.92 -7.67 13.01
N ARG B 81 15.15 -7.50 11.93
CA ARG B 81 15.59 -7.97 10.63
C ARG B 81 16.79 -7.18 10.11
N PHE B 82 16.94 -5.93 10.54
CA PHE B 82 18.06 -5.11 10.09
C PHE B 82 19.38 -5.67 10.61
N TYR B 83 19.46 -5.98 11.89
CA TYR B 83 20.70 -6.42 12.51
C TYR B 83 20.97 -7.91 12.31
N MET B 84 20.27 -8.55 11.38
CA MET B 84 20.67 -9.84 10.87
C MET B 84 21.57 -9.72 9.65
N PHE B 85 21.65 -8.52 9.05
CA PHE B 85 22.52 -8.26 7.93
C PHE B 85 23.52 -7.14 8.20
N HIS B 86 23.40 -6.45 9.33
CA HIS B 86 24.32 -5.36 9.68
C HIS B 86 24.65 -5.46 11.15
N SER B 87 25.77 -4.85 11.53
CA SER B 87 26.31 -4.95 12.88
C SER B 87 25.89 -3.74 13.72
N PHE B 88 25.83 -3.94 15.03
CA PHE B 88 25.57 -2.84 15.95
C PHE B 88 26.76 -1.88 16.03
N LYS B 89 27.94 -2.29 15.58
CA LYS B 89 29.11 -1.44 15.66
C LYS B 89 29.14 -0.39 14.55
N GLN B 90 28.50 -0.67 13.42
CA GLN B 90 28.46 0.29 12.33
C GLN B 90 27.24 1.19 12.38
N PHE B 91 26.11 0.69 12.87
CA PHE B 91 24.87 1.45 12.90
C PHE B 91 24.38 1.60 14.33
N PRO B 92 24.27 2.81 14.86
CA PRO B 92 23.74 2.98 16.22
C PRO B 92 22.32 2.46 16.32
N ARG B 93 21.99 1.88 17.49
CA ARG B 93 20.73 1.19 17.64
C ARG B 93 19.55 2.16 17.70
N TYR B 94 19.72 3.29 18.39
CA TYR B 94 18.61 4.23 18.54
C TYR B 94 18.35 5.03 17.26
N VAL B 95 19.38 5.23 16.43
CA VAL B 95 19.15 5.87 15.14
C VAL B 95 18.40 4.92 14.22
N THR B 96 18.83 3.66 14.14
CA THR B 96 18.13 2.67 13.35
C THR B 96 16.73 2.43 13.89
N GLY B 97 16.60 2.33 15.22
CA GLY B 97 15.28 2.15 15.81
C GLY B 97 14.33 3.29 15.48
N ALA B 98 14.87 4.51 15.39
CA ALA B 98 14.06 5.64 14.96
C ALA B 98 13.65 5.50 13.50
N CYS B 99 14.59 5.13 12.64
CA CYS B 99 14.30 4.98 11.22
C CYS B 99 13.27 3.90 10.97
N CYS B 100 13.32 2.81 11.74
CA CYS B 100 12.34 1.74 11.58
C CYS B 100 10.94 2.22 11.88
N LEU B 101 10.78 3.01 12.95
CA LEU B 101 9.45 3.50 13.30
C LEU B 101 8.96 4.53 12.28
N PHE B 102 9.87 5.34 11.74
CA PHE B 102 9.49 6.30 10.71
C PHE B 102 8.99 5.60 9.46
N LEU B 103 9.72 4.59 8.99
CA LEU B 103 9.30 3.86 7.79
C LEU B 103 8.04 3.05 8.06
N ALA B 104 7.91 2.49 9.27
CA ALA B 104 6.74 1.67 9.58
C ALA B 104 5.45 2.48 9.55
N GLY B 105 5.51 3.74 9.98
CA GLY B 105 4.32 4.58 9.93
C GLY B 105 3.82 4.79 8.51
N LYS B 106 4.74 4.97 7.57
CA LYS B 106 4.34 5.13 6.17
C LYS B 106 3.80 3.83 5.59
N VAL B 107 4.24 2.70 6.12
CA VAL B 107 3.78 1.40 5.63
C VAL B 107 2.35 1.13 6.09
N GLU B 108 2.08 1.30 7.38
CA GLU B 108 0.78 1.01 7.96
C GLU B 108 -0.20 2.17 7.86
N GLU B 109 0.07 3.15 6.99
CA GLU B 109 -0.81 4.30 6.77
C GLU B 109 -1.04 5.09 8.05
N THR B 110 -0.08 5.08 8.96
CA THR B 110 -0.08 5.94 10.15
C THR B 110 1.18 6.79 10.15
N PRO B 111 1.33 7.69 9.18
CA PRO B 111 2.59 8.41 9.03
C PRO B 111 2.77 9.50 10.08
N LYS B 112 3.99 9.61 10.59
CA LYS B 112 4.37 10.65 11.52
C LYS B 112 5.55 11.43 10.95
N LYS B 113 5.55 12.74 11.16
CA LYS B 113 6.66 13.57 10.69
C LYS B 113 7.95 13.14 11.38
N CYS B 114 9.04 13.12 10.60
CA CYS B 114 10.33 12.74 11.17
C CYS B 114 10.79 13.71 12.24
N LYS B 115 10.44 14.99 12.10
CA LYS B 115 10.78 15.96 13.14
C LYS B 115 10.05 15.66 14.45
N ASP B 116 8.88 15.03 14.36
CA ASP B 116 8.14 14.67 15.57
C ASP B 116 8.71 13.44 16.25
N ILE B 117 9.32 12.53 15.49
CA ILE B 117 9.94 11.36 16.10
C ILE B 117 11.24 11.75 16.80
N ILE B 118 12.01 12.66 16.19
CA ILE B 118 13.24 13.13 16.83
C ILE B 118 12.94 13.86 18.12
N LYS B 119 11.90 14.70 18.11
CA LYS B 119 11.53 15.43 19.33
C LYS B 119 11.12 14.48 20.44
N THR B 120 10.41 13.40 20.09
CA THR B 120 10.04 12.41 21.10
C THR B 120 11.25 11.58 21.53
N ALA B 121 12.21 11.38 20.64
CA ALA B 121 13.38 10.58 20.98
C ALA B 121 14.31 11.33 21.95
N ARG B 122 14.55 12.62 21.69
CA ARG B 122 15.43 13.40 22.56
C ARG B 122 14.81 13.63 23.94
N SER B 123 13.50 13.44 24.08
CA SER B 123 12.89 13.53 25.40
C SER B 123 13.07 12.27 26.22
N LEU B 124 13.11 11.10 25.56
CA LEU B 124 13.31 9.86 26.29
C LEU B 124 14.79 9.58 26.50
N LEU B 125 15.58 9.68 25.45
CA LEU B 125 17.00 9.32 25.53
C LEU B 125 17.79 10.38 26.28
N ASN B 126 18.83 9.92 26.96
CA ASN B 126 19.82 10.81 27.55
C ASN B 126 20.57 11.54 26.43
N ASP B 127 21.15 12.69 26.78
CA ASP B 127 21.91 13.45 25.79
C ASP B 127 23.11 12.66 25.29
N VAL B 128 23.60 11.72 26.09
CA VAL B 128 24.66 10.83 25.62
C VAL B 128 24.10 9.80 24.65
N GLN B 129 22.95 9.21 24.99
CA GLN B 129 22.29 8.28 24.07
C GLN B 129 21.82 9.00 22.81
N PHE B 130 21.32 10.23 22.96
CA PHE B 130 20.87 10.99 21.81
C PHE B 130 22.03 11.44 20.92
N GLY B 131 23.26 11.39 21.43
CA GLY B 131 24.42 11.76 20.64
C GLY B 131 24.65 10.88 19.43
N GLN B 132 24.00 9.73 19.34
CA GLN B 132 24.16 8.84 18.20
C GLN B 132 23.65 9.47 16.91
N PHE B 133 22.70 10.41 17.01
CA PHE B 133 22.14 11.06 15.84
C PHE B 133 23.07 12.12 15.26
N GLY B 134 24.18 12.43 15.92
CA GLY B 134 25.14 13.36 15.37
C GLY B 134 24.65 14.80 15.37
N ASP B 135 25.22 15.59 14.46
CA ASP B 135 24.89 17.00 14.38
C ASP B 135 23.51 17.21 13.77
N ASP B 136 23.16 16.42 12.76
CA ASP B 136 21.88 16.53 12.06
C ASP B 136 21.08 15.25 12.29
N PRO B 137 20.23 15.20 13.31
CA PRO B 137 19.44 13.99 13.56
C PRO B 137 18.49 13.64 12.44
N LYS B 138 17.91 14.64 11.76
CA LYS B 138 16.98 14.35 10.68
C LYS B 138 17.69 13.70 9.50
N GLU B 139 18.84 14.26 9.11
CA GLU B 139 19.58 13.71 7.98
C GLU B 139 20.08 12.30 8.28
N GLU B 140 20.47 12.03 9.53
CA GLU B 140 20.99 10.72 9.89
C GLU B 140 19.93 9.63 9.73
N VAL B 141 18.66 9.98 9.86
CA VAL B 141 17.59 9.01 9.72
C VAL B 141 17.14 8.86 8.27
N MET B 142 17.05 9.97 7.54
CA MET B 142 16.69 9.91 6.12
C MET B 142 17.71 9.11 5.33
N VAL B 143 18.99 9.30 5.63
CA VAL B 143 20.05 8.57 4.92
C VAL B 143 19.93 7.07 5.18
N LEU B 144 19.72 6.70 6.45
CA LEU B 144 19.63 5.29 6.80
C LEU B 144 18.40 4.62 6.17
N GLU B 145 17.42 5.39 5.72
CA GLU B 145 16.24 4.81 5.11
C GLU B 145 16.57 4.11 3.79
N ARG B 146 17.57 4.62 3.06
CA ARG B 146 17.93 4.01 1.78
C ARG B 146 18.42 2.58 1.97
N ILE B 147 19.39 2.38 2.85
CA ILE B 147 19.90 1.03 3.10
C ILE B 147 18.95 0.20 3.94
N LEU B 148 18.03 0.84 4.68
CA LEU B 148 17.04 0.08 5.43
C LEU B 148 16.07 -0.63 4.48
N LEU B 149 15.59 0.08 3.46
CA LEU B 149 14.72 -0.53 2.46
C LEU B 149 15.42 -1.68 1.75
N GLN B 150 16.69 -1.47 1.36
CA GLN B 150 17.45 -2.53 0.72
C GLN B 150 17.60 -3.74 1.63
N THR B 151 17.87 -3.51 2.91
CA THR B 151 18.03 -4.62 3.85
C THR B 151 16.74 -5.40 4.02
N ILE B 152 15.62 -4.69 4.21
CA ILE B 152 14.33 -5.35 4.32
C ILE B 152 13.87 -5.94 2.98
N LYS B 153 14.60 -5.64 1.89
CA LYS B 153 14.32 -6.18 0.57
C LYS B 153 12.95 -5.74 0.05
N PHE B 154 12.49 -4.57 0.50
CA PHE B 154 11.21 -3.99 0.09
C PHE B 154 10.04 -4.92 0.38
N ASP B 155 10.18 -5.78 1.40
CA ASP B 155 9.09 -6.64 1.85
C ASP B 155 8.40 -5.92 3.00
N LEU B 156 7.50 -5.00 2.63
CA LEU B 156 6.90 -4.10 3.61
C LEU B 156 5.78 -4.77 4.41
N GLN B 157 4.97 -5.60 3.75
CA GLN B 157 3.83 -6.21 4.43
C GLN B 157 4.30 -7.25 5.43
N VAL B 158 3.97 -7.03 6.71
CA VAL B 158 4.37 -7.92 7.79
C VAL B 158 3.18 -8.14 8.71
N GLU B 159 2.90 -9.39 9.03
CA GLU B 159 1.83 -9.75 9.95
C GLU B 159 2.39 -9.97 11.36
N HIS B 160 1.54 -9.78 12.35
CA HIS B 160 1.91 -9.84 13.76
C HIS B 160 0.98 -10.78 14.50
N PRO B 161 1.42 -11.33 15.64
CA PRO B 161 0.60 -12.31 16.36
C PRO B 161 -0.68 -11.73 16.95
N TYR B 162 -0.91 -10.42 16.86
CA TYR B 162 -2.10 -9.84 17.47
C TYR B 162 -3.37 -10.25 16.73
N GLN B 163 -3.37 -10.12 15.40
CA GLN B 163 -4.57 -10.47 14.63
C GLN B 163 -4.91 -11.95 14.76
N PHE B 164 -3.90 -12.79 14.97
CA PHE B 164 -4.16 -14.22 15.15
C PHE B 164 -4.53 -14.56 16.58
N LEU B 165 -3.99 -13.83 17.56
CA LEU B 165 -4.41 -14.00 18.94
C LEU B 165 -5.90 -13.71 19.09
N LEU B 166 -6.38 -12.64 18.45
CA LEU B 166 -7.79 -12.29 18.54
C LEU B 166 -8.65 -13.28 17.74
N LYS B 167 -8.16 -13.72 16.59
CA LYS B 167 -8.94 -14.63 15.75
C LYS B 167 -9.10 -15.99 16.42
N TYR B 168 -8.04 -16.51 17.03
CA TYR B 168 -8.12 -17.82 17.67
C TYR B 168 -8.96 -17.76 18.93
N ALA B 169 -8.73 -16.76 19.79
CA ALA B 169 -9.46 -16.68 21.05
C ALA B 169 -10.93 -16.36 20.85
N LYS B 170 -11.28 -15.70 19.74
CA LYS B 170 -12.68 -15.40 19.47
C LYS B 170 -13.50 -16.65 19.19
N GLN B 171 -12.85 -17.75 18.80
CA GLN B 171 -13.52 -19.03 18.59
C GLN B 171 -13.64 -19.85 19.87
N LEU B 172 -13.22 -19.30 21.01
CA LEU B 172 -13.27 -20.01 22.28
C LEU B 172 -14.60 -19.70 22.97
N LYS B 173 -15.35 -20.75 23.30
CA LYS B 173 -16.62 -20.63 24.00
C LYS B 173 -16.44 -21.07 25.44
N GLY B 174 -16.83 -20.21 26.38
CA GLY B 174 -16.71 -20.55 27.79
C GLY B 174 -16.85 -19.33 28.67
N ASP B 175 -16.13 -19.35 29.78
CA ASP B 175 -16.15 -18.24 30.73
C ASP B 175 -15.60 -16.98 30.06
N LYS B 176 -16.48 -15.97 29.92
CA LYS B 176 -16.07 -14.73 29.28
C LYS B 176 -14.99 -13.99 30.07
N ASN B 177 -14.97 -14.17 31.40
CA ASN B 177 -13.95 -13.54 32.22
C ASN B 177 -12.62 -14.26 32.11
N LYS B 178 -12.63 -15.60 32.18
CA LYS B 178 -11.40 -16.37 32.06
C LYS B 178 -10.79 -16.23 30.67
N ILE B 179 -11.64 -16.11 29.63
CA ILE B 179 -11.12 -15.92 28.28
C ILE B 179 -10.54 -14.52 28.13
N GLN B 180 -11.20 -13.52 28.71
CA GLN B 180 -10.69 -12.15 28.60
C GLN B 180 -9.38 -11.99 29.36
N LYS B 181 -9.27 -12.61 30.53
CA LYS B 181 -8.00 -12.58 31.25
C LYS B 181 -6.90 -13.30 30.47
N LEU B 182 -7.26 -14.36 29.74
CA LEU B 182 -6.29 -15.08 28.94
C LEU B 182 -5.77 -14.22 27.79
N VAL B 183 -6.63 -13.39 27.21
CA VAL B 183 -6.22 -12.57 26.07
C VAL B 183 -5.34 -11.41 26.54
N GLN B 184 -5.79 -10.68 27.56
CA GLN B 184 -5.02 -9.54 28.07
CA GLN B 184 -5.01 -9.54 28.04
C GLN B 184 -3.66 -9.97 28.62
N MET B 185 -3.52 -11.23 29.02
CA MET B 185 -2.24 -11.73 29.50
C MET B 185 -1.35 -12.19 28.35
N ALA B 186 -1.92 -12.90 27.37
CA ALA B 186 -1.16 -13.24 26.17
C ALA B 186 -0.80 -11.99 25.37
N TRP B 187 -1.65 -10.96 25.39
CA TRP B 187 -1.33 -9.72 24.72
C TRP B 187 -0.09 -9.06 25.31
N THR B 188 0.05 -9.11 26.64
CA THR B 188 1.25 -8.59 27.28
C THR B 188 2.47 -9.43 26.91
N PHE B 189 2.30 -10.74 26.78
CA PHE B 189 3.41 -11.61 26.41
C PHE B 189 3.91 -11.32 25.01
N VAL B 190 3.02 -10.93 24.09
CA VAL B 190 3.46 -10.57 22.75
C VAL B 190 4.27 -9.28 22.77
N ASN B 191 3.89 -8.35 23.64
CA ASN B 191 4.69 -7.13 23.80
C ASN B 191 6.08 -7.46 24.32
N ASP B 192 6.19 -8.42 25.24
CA ASP B 192 7.49 -8.80 25.75
C ASP B 192 8.31 -9.58 24.72
N SER B 193 7.64 -10.33 23.84
CA SER B 193 8.34 -11.12 22.84
C SER B 193 9.00 -10.25 21.77
N LEU B 194 8.60 -8.98 21.66
CA LEU B 194 9.22 -8.10 20.67
C LEU B 194 10.66 -7.78 21.01
N CYS B 195 11.02 -7.84 22.30
CA CYS B 195 12.39 -7.58 22.71
C CYS B 195 13.34 -8.74 22.42
N THR B 196 12.80 -9.91 22.07
CA THR B 196 13.60 -11.09 21.75
C THR B 196 13.60 -11.35 20.26
N THR B 197 14.39 -12.33 19.85
CA THR B 197 14.48 -12.76 18.47
C THR B 197 13.41 -13.79 18.10
N LEU B 198 12.32 -13.85 18.86
CA LEU B 198 11.25 -14.80 18.56
C LEU B 198 10.59 -14.45 17.23
N SER B 199 10.45 -13.16 16.92
CA SER B 199 9.92 -12.75 15.64
C SER B 199 10.80 -13.16 14.48
N LEU B 200 12.05 -13.56 14.75
CA LEU B 200 12.96 -14.06 13.74
C LEU B 200 13.03 -15.58 13.71
N GLN B 201 12.34 -16.26 14.63
CA GLN B 201 12.36 -17.72 14.71
C GLN B 201 11.07 -18.36 14.23
N TRP B 202 9.92 -17.89 14.70
CA TRP B 202 8.64 -18.52 14.41
C TRP B 202 7.65 -17.50 13.87
N GLU B 203 6.74 -17.99 13.02
CA GLU B 203 5.75 -17.14 12.38
C GLU B 203 4.81 -16.52 13.41
N PRO B 204 4.11 -15.44 13.05
CA PRO B 204 3.18 -14.83 14.01
C PRO B 204 2.08 -15.77 14.49
N GLU B 205 1.59 -16.66 13.61
CA GLU B 205 0.58 -17.62 14.03
C GLU B 205 1.10 -18.52 15.15
N ILE B 206 2.37 -18.92 15.07
CA ILE B 206 2.96 -19.77 16.10
C ILE B 206 3.17 -18.99 17.38
N ILE B 207 3.66 -17.75 17.28
CA ILE B 207 3.83 -16.92 18.47
C ILE B 207 2.48 -16.65 19.12
N ALA B 208 1.44 -16.45 18.30
CA ALA B 208 0.10 -16.23 18.84
C ALA B 208 -0.38 -17.45 19.61
N VAL B 209 -0.08 -18.65 19.11
CA VAL B 209 -0.47 -19.87 19.80
C VAL B 209 0.37 -20.04 21.06
N ALA B 210 1.65 -19.67 21.00
CA ALA B 210 2.55 -19.89 22.13
C ALA B 210 2.17 -19.04 23.33
N VAL B 211 1.85 -17.76 23.11
CA VAL B 211 1.48 -16.90 24.22
C VAL B 211 0.16 -17.34 24.85
N MET B 212 -0.70 -18.00 24.07
CA MET B 212 -1.89 -18.61 24.66
C MET B 212 -1.51 -19.83 25.49
N TYR B 213 -0.56 -20.63 25.01
CA TYR B 213 -0.11 -21.80 25.77
C TYR B 213 0.52 -21.39 27.10
N LEU B 214 1.30 -20.31 27.10
CA LEU B 214 1.93 -19.84 28.33
C LEU B 214 0.89 -19.25 29.27
N ALA B 215 -0.01 -18.43 28.75
CA ALA B 215 -1.03 -17.80 29.60
C ALA B 215 -1.97 -18.85 30.18
N GLY B 216 -2.17 -19.98 29.50
CA GLY B 216 -3.00 -21.04 30.04
C GLY B 216 -2.32 -21.82 31.16
N ARG B 217 -0.99 -21.78 31.23
CA ARG B 217 -0.28 -22.51 32.29
C ARG B 217 -0.27 -21.72 33.59
N LEU B 218 0.11 -20.44 33.52
CA LEU B 218 0.21 -19.64 34.75
C LEU B 218 -1.17 -19.38 35.35
N CYS B 219 -2.19 -19.20 34.49
CA CYS B 219 -3.55 -19.03 34.98
C CYS B 219 -4.18 -20.34 35.44
N LYS B 220 -3.50 -21.47 35.23
CA LYS B 220 -4.05 -22.79 35.54
C LYS B 220 -5.37 -23.02 34.79
N PHE B 221 -5.42 -22.58 33.53
CA PHE B 221 -6.59 -22.74 32.69
C PHE B 221 -6.37 -23.90 31.73
N GLU B 222 -7.42 -24.72 31.54
CA GLU B 222 -7.40 -25.81 30.58
C GLU B 222 -8.05 -25.32 29.30
N ILE B 223 -7.22 -24.88 28.35
CA ILE B 223 -7.74 -24.25 27.13
C ILE B 223 -8.51 -25.24 26.27
N GLN B 224 -8.16 -26.54 26.35
CA GLN B 224 -8.84 -27.52 25.51
C GLN B 224 -10.30 -27.69 25.88
N GLU B 225 -10.70 -27.36 27.11
CA GLU B 225 -12.09 -27.48 27.51
C GLU B 225 -12.98 -26.40 26.92
N TRP B 226 -12.40 -25.37 26.30
CA TRP B 226 -13.15 -24.31 25.65
C TRP B 226 -13.25 -24.51 24.14
N THR B 227 -12.88 -25.68 23.65
CA THR B 227 -12.86 -25.96 22.21
C THR B 227 -13.91 -27.02 21.88
N SER B 228 -14.04 -27.30 20.59
CA SER B 228 -14.99 -28.32 20.14
C SER B 228 -14.61 -29.71 20.66
N LYS B 229 -13.31 -29.94 20.86
CA LYS B 229 -12.83 -31.21 21.43
C LYS B 229 -12.36 -30.96 22.85
N PRO B 230 -13.20 -31.20 23.86
CA PRO B 230 -12.78 -30.89 25.24
C PRO B 230 -11.77 -31.86 25.82
N MET B 231 -11.69 -33.08 25.29
CA MET B 231 -10.72 -34.05 25.80
C MET B 231 -9.41 -34.03 25.03
N TYR B 232 -9.42 -33.58 23.78
CA TYR B 232 -8.20 -33.52 22.97
C TYR B 232 -7.24 -32.50 23.56
N ARG B 233 -6.08 -32.96 24.01
CA ARG B 233 -5.17 -32.09 24.76
C ARG B 233 -4.48 -31.07 23.86
N ARG B 234 -4.21 -31.41 22.60
CA ARG B 234 -3.56 -30.49 21.67
C ARG B 234 -4.64 -29.65 20.99
N TRP B 235 -5.09 -28.62 21.72
CA TRP B 235 -6.19 -27.79 21.25
C TRP B 235 -5.80 -26.94 20.05
N TRP B 236 -4.52 -26.60 19.92
CA TRP B 236 -4.08 -25.64 18.91
C TRP B 236 -4.04 -26.22 17.50
N GLU B 237 -4.29 -27.52 17.33
CA GLU B 237 -4.24 -28.10 15.99
C GLU B 237 -5.38 -27.64 15.09
N GLN B 238 -6.43 -27.03 15.65
CA GLN B 238 -7.48 -26.44 14.83
C GLN B 238 -7.08 -25.08 14.26
N PHE B 239 -6.08 -24.44 14.85
CA PHE B 239 -5.61 -23.13 14.42
C PHE B 239 -4.35 -23.22 13.56
N VAL B 240 -3.34 -23.96 14.04
CA VAL B 240 -2.11 -24.17 13.30
C VAL B 240 -1.89 -25.67 13.13
N GLN B 241 -1.15 -26.04 12.09
CA GLN B 241 -0.97 -27.42 11.70
C GLN B 241 0.49 -27.82 11.84
N ASP B 242 0.73 -29.01 12.41
CA ASP B 242 2.06 -29.58 12.58
C ASP B 242 2.95 -28.67 13.43
N VAL B 243 2.53 -28.48 14.67
CA VAL B 243 3.31 -27.71 15.65
C VAL B 243 3.47 -28.55 16.91
N PRO B 244 4.66 -29.08 17.19
CA PRO B 244 4.83 -29.92 18.38
C PRO B 244 4.83 -29.07 19.65
N VAL B 245 4.71 -29.76 20.78
CA VAL B 245 4.63 -29.08 22.06
C VAL B 245 5.99 -28.52 22.47
N ASP B 246 7.08 -29.16 22.04
CA ASP B 246 8.41 -28.69 22.41
C ASP B 246 8.74 -27.34 21.78
N VAL B 247 8.16 -27.04 20.62
CA VAL B 247 8.33 -25.72 20.03
C VAL B 247 7.67 -24.67 20.91
N LEU B 248 6.46 -24.94 21.40
CA LEU B 248 5.79 -24.02 22.30
C LEU B 248 6.58 -23.86 23.60
N GLU B 249 7.16 -24.96 24.10
CA GLU B 249 7.96 -24.89 25.32
C GLU B 249 9.19 -24.02 25.12
N ASP B 250 9.81 -24.10 23.93
CA ASP B 250 10.96 -23.27 23.64
C ASP B 250 10.60 -21.79 23.66
N ILE B 251 9.45 -21.44 23.06
CA ILE B 251 9.03 -20.05 23.05
C ILE B 251 8.67 -19.57 24.45
N CYS B 252 8.00 -20.43 25.23
CA CYS B 252 7.65 -20.07 26.61
C CYS B 252 8.90 -19.90 27.47
N HIS B 253 9.96 -20.68 27.20
CA HIS B 253 11.19 -20.53 27.95
C HIS B 253 11.85 -19.19 27.68
N GLN B 254 11.88 -18.77 26.40
CA GLN B 254 12.51 -17.50 26.06
C GLN B 254 11.73 -16.31 26.63
N ILE B 255 10.41 -16.44 26.74
CA ILE B 255 9.62 -15.35 27.30
C ILE B 255 9.79 -15.28 28.81
N LEU B 256 9.89 -16.44 29.47
CA LEU B 256 10.10 -16.46 30.91
C LEU B 256 11.49 -15.99 31.31
N ASP B 257 12.47 -16.03 30.40
CA ASP B 257 13.80 -15.52 30.69
C ASP B 257 13.81 -14.01 30.88
N LEU B 258 12.76 -13.31 30.42
CA LEU B 258 12.70 -11.86 30.58
C LEU B 258 12.39 -11.47 32.01
N TYR B 259 11.67 -12.31 32.75
CA TYR B 259 11.30 -12.00 34.12
C TYR B 259 12.29 -12.54 35.15
N SER B 260 13.14 -13.50 34.77
CA SER B 260 14.16 -13.99 35.69
C SER B 260 15.30 -13.00 35.88
N GLN B 261 15.49 -12.09 34.94
CA GLN B 261 16.57 -11.10 35.02
C GLN B 261 16.24 -10.03 36.06
#